data_1OC5
#
_entry.id   1OC5
#
_cell.length_a   57.504
_cell.length_b   60.148
_cell.length_c   97.207
_cell.angle_alpha   90.00
_cell.angle_beta   90.00
_cell.angle_gamma   90.00
#
_symmetry.space_group_name_H-M   'P 21 21 21'
#
loop_
_entity.id
_entity.type
_entity.pdbx_description
1 polymer 'CELLOBIOHYDROLASE II'
2 branched 'beta-D-glucopyranose-(1-4)-beta-D-glucopyranose-(1-4)-4-thio-beta-D-glucopyranose-(1-4)-methyl beta-D-glucopyranoside'
3 non-polymer 2-acetamido-2-deoxy-beta-D-glucopyranose
4 non-polymer GLYCEROL
5 water water
#
_entity_poly.entity_id   1
_entity_poly.type   'polypeptide(L)'
_entity_poly.pdbx_seq_one_letter_code
;APYNGNPFEGVQLWANNYYRSEVHTLAIPQITDPALRAAASAVAEVPSFQWLDRNVTVDTLLVQTLSEIREANQAGANPQ
YAAQIVVYDLPDRDCAAAASNGEWAIANNGVNNYKAYINRIREILISFSDVRTILVIEPDSLANMVTNMNVPKCSGAAST
YRELTIYALKQLDLPHVAMYMDAGHAGWLGWPANIQPAAELFAKIYEDAGKPRAVRGLATNVANYNAWSVSSPPPYTSPN
PNYDEKHYIEAFRPLLEARGFPAQFIVDQGRSGKQPTGQKEWGHWCNAIGTGFGMRPTANTGHQYVDAFVWVKPGGECNG
TSDTTAARYDYHCGLEDALKPAPEAGQWFNEYFIQLLRNANPPF
;
_entity_poly.pdbx_strand_id   A
#
loop_
_chem_comp.id
_chem_comp.type
_chem_comp.name
_chem_comp.formula
BGC D-saccharide, beta linking beta-D-glucopyranose 'C6 H12 O6'
GOL non-polymer GLYCEROL 'C3 H8 O3'
MGL D-saccharide 'methyl beta-D-glucopyranoside' 'C7 H14 O6'
NAG D-saccharide, beta linking 2-acetamido-2-deoxy-beta-D-glucopyranose 'C8 H15 N O6'
SGC D-saccharide, beta linking 4-thio-beta-D-glucopyranose 'C6 H12 O5 S'
#
# COMPACT_ATOMS: atom_id res chain seq x y z
N ALA A 1 -3.24 -18.93 -14.70
CA ALA A 1 -2.37 -20.05 -14.33
C ALA A 1 -2.01 -20.02 -12.86
N PRO A 2 -1.75 -21.21 -12.32
CA PRO A 2 -1.36 -21.36 -10.93
C PRO A 2 0.08 -21.02 -10.72
N TYR A 3 0.42 -20.78 -9.47
CA TYR A 3 1.80 -20.59 -9.08
C TYR A 3 2.03 -21.26 -7.73
N ASN A 4 3.28 -21.55 -7.45
CA ASN A 4 3.66 -22.09 -6.16
C ASN A 4 4.58 -21.07 -5.47
N GLY A 5 4.47 -20.94 -4.16
CA GLY A 5 5.42 -20.13 -3.42
C GLY A 5 5.23 -18.63 -3.63
N ASN A 6 6.35 -17.93 -3.65
CA ASN A 6 6.38 -16.47 -3.66
C ASN A 6 5.87 -15.98 -5.01
N PRO A 7 4.76 -15.27 -5.05
CA PRO A 7 4.18 -14.80 -6.32
C PRO A 7 5.06 -13.84 -7.07
N PHE A 8 6.04 -13.23 -6.40
CA PHE A 8 6.99 -12.31 -7.05
C PHE A 8 8.13 -13.02 -7.78
N GLU A 9 8.23 -14.31 -7.54
CA GLU A 9 9.27 -15.11 -8.21
C GLU A 9 8.78 -15.57 -9.58
N GLY A 10 9.69 -15.47 -10.55
CA GLY A 10 9.43 -15.97 -11.88
C GLY A 10 8.63 -15.03 -12.77
N VAL A 11 8.39 -13.80 -12.29
CA VAL A 11 7.70 -12.77 -13.06
C VAL A 11 8.47 -11.46 -12.95
N GLN A 12 8.23 -10.56 -13.88
CA GLN A 12 8.65 -9.16 -13.84
C GLN A 12 7.45 -8.35 -13.37
N LEU A 13 7.70 -7.20 -12.77
CA LEU A 13 6.60 -6.37 -12.32
C LEU A 13 6.26 -5.27 -13.34
N TRP A 14 5.00 -5.16 -13.70
CA TRP A 14 4.57 -4.17 -14.72
C TRP A 14 4.54 -2.76 -14.14
N ALA A 15 5.12 -1.79 -14.84
CA ALA A 15 4.97 -0.38 -14.45
C ALA A 15 3.79 0.15 -15.23
N ASN A 16 2.76 0.62 -14.54
CA ASN A 16 1.49 0.92 -15.21
C ASN A 16 1.50 2.28 -15.88
N ASN A 17 0.63 2.39 -16.86
CA ASN A 17 0.53 3.60 -17.68
C ASN A 17 -0.15 4.79 -17.04
N TYR A 18 -0.86 4.55 -15.95
CA TYR A 18 -1.46 5.63 -15.15
C TYR A 18 -0.32 6.45 -14.51
N TYR A 19 0.55 5.76 -13.79
CA TYR A 19 1.64 6.47 -13.12
C TYR A 19 2.58 7.08 -14.20
N ARG A 20 2.85 6.31 -15.24
CA ARG A 20 3.73 6.75 -16.34
C ARG A 20 3.17 8.03 -16.96
N SER A 21 1.86 8.05 -17.13
CA SER A 21 1.18 9.24 -17.70
C SER A 21 1.23 10.41 -16.74
N GLU A 22 1.11 10.19 -15.44
CA GLU A 22 1.32 11.30 -14.52
C GLU A 22 2.72 11.90 -14.68
N VAL A 23 3.75 11.05 -14.76
CA VAL A 23 5.09 11.60 -14.84
C VAL A 23 5.29 12.34 -16.16
N HIS A 24 4.93 11.71 -17.26
CA HIS A 24 5.14 12.33 -18.57
C HIS A 24 4.28 13.50 -18.90
N THR A 25 3.02 13.49 -18.47
CA THR A 25 2.14 14.58 -18.89
C THR A 25 2.00 15.66 -17.83
N LEU A 26 2.20 15.29 -16.55
CA LEU A 26 2.06 16.29 -15.48
C LEU A 26 3.39 16.78 -14.86
N ALA A 27 4.34 15.88 -14.68
CA ALA A 27 5.60 16.19 -13.97
C ALA A 27 6.67 16.77 -14.90
N ILE A 28 6.99 16.03 -15.93
CA ILE A 28 8.15 16.34 -16.77
C ILE A 28 8.00 17.73 -17.42
N PRO A 29 6.80 18.07 -17.91
CA PRO A 29 6.65 19.39 -18.52
C PRO A 29 6.91 20.55 -17.60
N GLN A 30 6.88 20.33 -16.30
CA GLN A 30 7.18 21.38 -15.30
C GLN A 30 8.64 21.38 -14.88
N ILE A 31 9.43 20.47 -15.43
CA ILE A 31 10.83 20.29 -15.05
C ILE A 31 11.70 20.71 -16.22
N THR A 32 12.62 21.63 -15.98
CA THR A 32 13.51 22.12 -17.04
C THR A 32 14.92 21.58 -16.97
N ASP A 33 15.35 21.17 -15.79
CA ASP A 33 16.69 20.63 -15.59
C ASP A 33 16.88 19.26 -16.27
N PRO A 34 17.81 19.15 -17.21
CA PRO A 34 18.00 17.91 -17.96
C PRO A 34 18.16 16.67 -17.08
N ALA A 35 18.96 16.79 -16.04
CA ALA A 35 19.23 15.64 -15.15
C ALA A 35 17.95 15.19 -14.42
N LEU A 36 17.21 16.14 -13.89
CA LEU A 36 15.94 15.81 -13.20
C LEU A 36 14.87 15.27 -14.17
N ARG A 37 14.84 15.77 -15.41
CA ARG A 37 13.91 15.21 -16.38
C ARG A 37 14.26 13.75 -16.68
N ALA A 38 15.56 13.45 -16.80
CA ALA A 38 15.97 12.08 -17.11
C ALA A 38 15.68 11.17 -15.92
N ALA A 39 15.88 11.72 -14.74
CA ALA A 39 15.59 10.98 -13.49
C ALA A 39 14.09 10.71 -13.39
N ALA A 40 13.29 11.71 -13.72
CA ALA A 40 11.84 11.54 -13.72
C ALA A 40 11.41 10.43 -14.71
N SER A 41 11.96 10.50 -15.92
CA SER A 41 11.65 9.49 -16.92
C SER A 41 11.94 8.09 -16.41
N ALA A 42 13.04 7.97 -15.65
CA ALA A 42 13.45 6.66 -15.12
C ALA A 42 12.49 6.18 -14.02
N VAL A 43 12.05 7.10 -13.17
CA VAL A 43 11.12 6.74 -12.08
C VAL A 43 9.75 6.28 -12.63
N ALA A 44 9.37 6.82 -13.79
CA ALA A 44 8.13 6.38 -14.43
C ALA A 44 8.10 4.90 -14.81
N GLU A 45 9.30 4.32 -14.96
CA GLU A 45 9.43 2.89 -15.29
C GLU A 45 9.57 1.98 -14.07
N VAL A 46 9.52 2.57 -12.87
CA VAL A 46 9.58 1.74 -11.66
C VAL A 46 8.17 1.20 -11.35
N PRO A 47 8.01 -0.11 -11.20
CA PRO A 47 6.67 -0.70 -11.07
C PRO A 47 6.05 -0.58 -9.68
N SER A 48 5.14 0.38 -9.55
CA SER A 48 4.42 0.62 -8.30
C SER A 48 3.00 0.04 -8.40
N PHE A 49 2.38 -0.16 -7.24
CA PHE A 49 1.01 -0.63 -7.19
C PHE A 49 0.07 0.42 -7.79
N GLN A 50 -1.00 -0.08 -8.39
CA GLN A 50 -2.11 0.71 -8.91
C GLN A 50 -3.28 0.51 -7.93
N TRP A 51 -3.87 1.62 -7.48
CA TRP A 51 -4.87 1.58 -6.41
C TRP A 51 -6.29 1.64 -6.93
N LEU A 52 -7.15 0.74 -6.47
CA LEU A 52 -8.57 0.82 -6.76
C LEU A 52 -9.24 1.50 -5.56
N ASP A 53 -8.92 2.77 -5.41
CA ASP A 53 -9.38 3.54 -4.25
C ASP A 53 -10.71 4.24 -4.49
N ARG A 54 -11.24 4.10 -5.70
CA ARG A 54 -12.58 4.59 -6.02
C ARG A 54 -13.21 3.58 -6.95
N ASN A 55 -14.49 3.38 -6.83
CA ASN A 55 -15.21 2.37 -7.61
C ASN A 55 -15.01 2.49 -9.12
N VAL A 56 -14.94 3.73 -9.63
CA VAL A 56 -14.75 3.99 -11.07
C VAL A 56 -13.47 3.37 -11.66
N THR A 57 -12.50 3.05 -10.81
CA THR A 57 -11.21 2.48 -11.24
C THR A 57 -11.37 1.02 -11.71
N VAL A 58 -12.42 0.36 -11.26
CA VAL A 58 -12.59 -1.08 -11.52
C VAL A 58 -12.77 -1.36 -12.99
N ASP A 59 -13.77 -0.71 -13.61
CA ASP A 59 -14.06 -0.92 -15.01
C ASP A 59 -13.25 -0.03 -15.97
N THR A 60 -12.37 0.78 -15.41
CA THR A 60 -11.44 1.59 -16.22
C THR A 60 -10.00 1.08 -16.04
N LEU A 61 -9.33 1.61 -15.02
CA LEU A 61 -7.93 1.34 -14.73
C LEU A 61 -7.61 -0.14 -14.61
N LEU A 62 -8.42 -0.90 -13.87
CA LEU A 62 -8.09 -2.33 -13.65
C LEU A 62 -8.11 -3.08 -14.98
N VAL A 63 -9.15 -2.88 -15.75
CA VAL A 63 -9.28 -3.53 -17.06
C VAL A 63 -8.14 -3.10 -17.99
N GLN A 64 -7.86 -1.82 -18.02
CA GLN A 64 -6.79 -1.25 -18.86
C GLN A 64 -5.43 -1.86 -18.55
N THR A 65 -5.07 -1.87 -17.29
CA THR A 65 -3.76 -2.41 -16.87
C THR A 65 -3.65 -3.88 -17.17
N LEU A 66 -4.65 -4.67 -16.83
CA LEU A 66 -4.60 -6.10 -17.12
C LEU A 66 -4.57 -6.35 -18.63
N SER A 67 -5.29 -5.54 -19.38
CA SER A 67 -5.29 -5.69 -20.86
C SER A 67 -3.90 -5.40 -21.41
N GLU A 68 -3.28 -4.34 -20.91
CA GLU A 68 -1.94 -3.93 -21.33
C GLU A 68 -0.88 -4.97 -20.97
N ILE A 69 -1.03 -5.59 -19.80
CA ILE A 69 -0.11 -6.65 -19.38
C ILE A 69 -0.27 -7.90 -20.27
N ARG A 70 -1.50 -8.26 -20.55
CA ARG A 70 -1.75 -9.41 -21.43
C ARG A 70 -1.06 -9.14 -22.79
N GLU A 71 -1.27 -7.94 -23.33
CA GLU A 71 -0.66 -7.57 -24.63
C GLU A 71 0.84 -7.69 -24.56
N ALA A 72 1.45 -7.16 -23.51
CA ALA A 72 2.91 -7.21 -23.39
C ALA A 72 3.44 -8.66 -23.26
N ASN A 73 2.68 -9.47 -22.56
CA ASN A 73 3.05 -10.88 -22.34
C ASN A 73 2.91 -11.67 -23.63
N GLN A 74 1.87 -11.38 -24.37
CA GLN A 74 1.66 -12.08 -25.66
C GLN A 74 2.68 -11.62 -26.70
N ALA A 75 3.23 -10.42 -26.49
CA ALA A 75 4.30 -9.85 -27.35
C ALA A 75 5.72 -10.27 -26.91
N GLY A 76 5.78 -11.24 -26.00
CA GLY A 76 7.01 -11.96 -25.64
C GLY A 76 7.78 -11.59 -24.40
N ALA A 77 7.17 -10.79 -23.54
CA ALA A 77 7.82 -10.35 -22.31
C ALA A 77 8.40 -11.58 -21.63
N ASN A 78 9.64 -11.48 -21.17
CA ASN A 78 10.24 -12.64 -20.53
C ASN A 78 11.20 -12.21 -19.44
N PRO A 79 10.90 -12.59 -18.19
CA PRO A 79 9.71 -13.37 -17.85
C PRO A 79 8.42 -12.53 -17.99
N GLN A 80 7.30 -13.21 -17.88
CA GLN A 80 5.99 -12.57 -18.02
C GLN A 80 5.82 -11.50 -16.94
N TYR A 81 5.05 -10.49 -17.27
CA TYR A 81 4.72 -9.42 -16.33
C TYR A 81 3.58 -9.84 -15.44
N ALA A 82 3.62 -9.35 -14.20
CA ALA A 82 2.56 -9.50 -13.20
C ALA A 82 2.02 -8.14 -12.78
N ALA A 83 0.75 -8.13 -12.37
CA ALA A 83 0.09 -6.90 -11.91
C ALA A 83 0.18 -6.76 -10.38
N GLN A 84 0.17 -5.53 -9.95
CA GLN A 84 0.21 -5.14 -8.54
C GLN A 84 -0.92 -4.14 -8.29
N ILE A 85 -1.91 -4.56 -7.53
CA ILE A 85 -3.17 -3.81 -7.34
C ILE A 85 -3.51 -3.68 -5.86
N VAL A 86 -4.00 -2.51 -5.46
CA VAL A 86 -4.49 -2.30 -4.09
C VAL A 86 -6.04 -2.24 -4.09
N VAL A 87 -6.67 -2.99 -3.21
CA VAL A 87 -8.12 -2.93 -3.02
C VAL A 87 -8.34 -1.99 -1.83
N TYR A 88 -9.02 -0.87 -2.08
CA TYR A 88 -9.11 0.17 -1.03
C TYR A 88 -10.42 0.95 -1.12
N ASP A 89 -11.53 0.30 -0.77
CA ASP A 89 -12.80 1.03 -0.81
C ASP A 89 -13.79 0.54 0.22
N LEU A 90 -13.32 0.07 1.38
CA LEU A 90 -14.27 -0.32 2.43
C LEU A 90 -15.22 0.86 2.75
N PRO A 91 -16.48 0.53 3.06
CA PRO A 91 -17.42 1.53 3.55
C PRO A 91 -16.95 1.98 4.94
N ASP A 92 -17.28 3.22 5.30
CA ASP A 92 -16.78 3.89 6.50
C ASP A 92 -15.25 3.74 6.57
N ARG A 93 -14.62 3.98 5.44
CA ARG A 93 -13.18 3.81 5.25
C ARG A 93 -12.39 4.75 6.17
N ASP A 94 -11.23 4.25 6.61
CA ASP A 94 -10.31 5.05 7.44
C ASP A 94 -11.02 5.57 8.69
N CYS A 95 -11.57 4.63 9.46
CA CYS A 95 -12.50 4.98 10.55
C CYS A 95 -11.92 5.92 11.61
N ALA A 96 -10.61 5.90 11.86
CA ALA A 96 -10.05 6.75 12.89
C ALA A 96 -9.47 8.05 12.36
N ALA A 97 -9.54 8.26 11.04
CA ALA A 97 -8.93 9.43 10.42
C ALA A 97 -9.70 10.70 10.74
N ALA A 98 -8.98 11.82 10.69
CA ALA A 98 -9.60 13.12 10.93
C ALA A 98 -10.58 13.42 9.84
N ALA A 99 -10.28 12.95 8.64
CA ALA A 99 -11.13 13.09 7.46
C ALA A 99 -10.85 11.89 6.58
N SER A 100 -11.86 11.41 5.90
CA SER A 100 -11.71 10.33 4.93
C SER A 100 -12.20 10.76 3.57
N ASN A 101 -11.50 10.26 2.56
CA ASN A 101 -11.88 10.39 1.17
C ASN A 101 -12.63 9.17 0.67
N GLY A 102 -12.88 8.17 1.54
CA GLY A 102 -13.61 6.96 1.15
C GLY A 102 -15.03 7.34 0.71
N GLU A 103 -15.46 6.84 -0.43
CA GLU A 103 -16.74 7.27 -0.98
C GLU A 103 -18.00 6.67 -0.39
N TRP A 104 -17.87 5.52 0.29
CA TRP A 104 -19.04 4.78 0.71
C TRP A 104 -19.22 4.78 2.23
N ALA A 105 -20.48 4.80 2.65
CA ALA A 105 -20.85 4.78 4.06
C ALA A 105 -21.67 3.55 4.36
N ILE A 106 -21.41 2.93 5.50
CA ILE A 106 -22.26 1.82 5.98
C ILE A 106 -23.73 2.22 5.99
N ALA A 107 -24.00 3.43 6.47
CA ALA A 107 -25.39 3.93 6.55
C ALA A 107 -26.05 4.14 5.17
N ASN A 108 -25.25 4.17 4.10
CA ASN A 108 -25.79 4.45 2.78
C ASN A 108 -25.52 3.30 1.80
N ASN A 109 -25.94 2.09 2.21
CA ASN A 109 -25.80 0.89 1.40
C ASN A 109 -24.34 0.49 1.15
N GLY A 110 -23.44 0.87 2.05
CA GLY A 110 -22.02 0.68 1.81
C GLY A 110 -21.62 -0.78 1.76
N VAL A 111 -22.21 -1.64 2.60
CA VAL A 111 -21.93 -3.07 2.59
C VAL A 111 -22.24 -3.68 1.20
N ASN A 112 -23.45 -3.47 0.72
CA ASN A 112 -23.81 -3.98 -0.61
C ASN A 112 -22.94 -3.40 -1.71
N ASN A 113 -22.62 -2.11 -1.60
CA ASN A 113 -21.75 -1.44 -2.57
C ASN A 113 -20.40 -2.16 -2.62
N TYR A 114 -19.88 -2.49 -1.44
CA TYR A 114 -18.54 -3.08 -1.39
C TYR A 114 -18.54 -4.52 -1.91
N LYS A 115 -19.56 -5.28 -1.53
CA LYS A 115 -19.65 -6.64 -2.03
C LYS A 115 -19.71 -6.66 -3.56
N ALA A 116 -20.47 -5.71 -4.14
CA ALA A 116 -20.56 -5.65 -5.59
C ALA A 116 -19.20 -5.36 -6.27
N TYR A 117 -18.53 -4.32 -5.75
CA TYR A 117 -17.13 -3.99 -5.94
C TYR A 117 -16.23 -5.26 -5.98
N ILE A 118 -16.22 -6.00 -4.88
CA ILE A 118 -15.38 -7.22 -4.85
C ILE A 118 -15.83 -8.23 -5.94
N ASN A 119 -17.15 -8.39 -6.09
CA ASN A 119 -17.68 -9.33 -7.09
C ASN A 119 -17.26 -8.91 -8.52
N ARG A 120 -17.26 -7.62 -8.83
CA ARG A 120 -16.85 -7.17 -10.18
C ARG A 120 -15.36 -7.34 -10.37
N ILE A 121 -14.59 -7.04 -9.33
CA ILE A 121 -13.13 -7.30 -9.38
C ILE A 121 -12.90 -8.80 -9.62
N ARG A 122 -13.63 -9.66 -8.95
CA ARG A 122 -13.48 -11.11 -9.15
C ARG A 122 -13.71 -11.47 -10.63
N GLU A 123 -14.80 -10.94 -11.20
CA GLU A 123 -15.09 -11.23 -12.61
C GLU A 123 -13.95 -10.79 -13.51
N ILE A 124 -13.42 -9.59 -13.27
CA ILE A 124 -12.32 -9.09 -14.10
C ILE A 124 -11.05 -9.93 -13.96
N LEU A 125 -10.72 -10.27 -12.71
CA LEU A 125 -9.57 -11.12 -12.47
C LEU A 125 -9.70 -12.49 -13.18
N ILE A 126 -10.87 -13.12 -13.13
CA ILE A 126 -11.12 -14.37 -13.86
C ILE A 126 -10.90 -14.18 -15.34
N SER A 127 -11.40 -13.08 -15.87
CA SER A 127 -11.26 -12.81 -17.30
C SER A 127 -9.78 -12.71 -17.68
N PHE A 128 -9.01 -12.12 -16.79
CA PHE A 128 -7.55 -12.01 -16.91
C PHE A 128 -6.71 -13.00 -16.08
N SER A 129 -7.16 -14.24 -15.97
CA SER A 129 -6.44 -15.29 -15.24
C SER A 129 -5.04 -15.55 -15.73
N ASP A 130 -4.76 -15.19 -16.97
CA ASP A 130 -3.43 -15.33 -17.55
C ASP A 130 -2.40 -14.31 -17.05
N VAL A 131 -2.86 -13.31 -16.31
CA VAL A 131 -1.97 -12.29 -15.73
C VAL A 131 -1.90 -12.48 -14.23
N ARG A 132 -0.78 -12.97 -13.72
CA ARG A 132 -0.65 -13.18 -12.27
C ARG A 132 -0.85 -11.81 -11.62
N THR A 133 -1.64 -11.78 -10.57
CA THR A 133 -2.09 -10.55 -9.92
C THR A 133 -1.89 -10.58 -8.43
N ILE A 134 -1.10 -9.63 -7.96
CA ILE A 134 -0.73 -9.49 -6.57
C ILE A 134 -1.52 -8.35 -5.98
N LEU A 135 -2.26 -8.64 -4.91
CA LEU A 135 -3.10 -7.64 -4.24
C LEU A 135 -2.68 -7.31 -2.84
N VAL A 136 -2.77 -6.02 -2.55
CA VAL A 136 -2.75 -5.53 -1.19
C VAL A 136 -4.22 -5.27 -0.80
N ILE A 137 -4.65 -5.83 0.31
CA ILE A 137 -6.03 -5.70 0.76
C ILE A 137 -6.20 -4.63 1.84
N GLU A 138 -6.89 -3.56 1.47
CA GLU A 138 -7.40 -2.52 2.40
C GLU A 138 -6.43 -1.92 3.42
N PRO A 139 -5.53 -1.05 2.96
CA PRO A 139 -4.73 -0.25 3.88
C PRO A 139 -5.62 0.49 4.88
N ASP A 140 -5.08 0.68 6.07
CA ASP A 140 -5.74 1.48 7.09
C ASP A 140 -7.12 0.96 7.44
N SER A 141 -7.25 -0.37 7.54
CA SER A 141 -8.54 -1.00 7.87
C SER A 141 -8.44 -1.73 9.19
N LEU A 142 -8.15 -3.01 9.16
CA LEU A 142 -8.07 -3.82 10.38
C LEU A 142 -7.03 -3.39 11.41
N ALA A 143 -6.02 -2.63 11.02
CA ALA A 143 -5.07 -2.11 12.01
C ALA A 143 -5.82 -1.22 13.02
N ASN A 144 -6.89 -0.58 12.60
CA ASN A 144 -7.74 0.22 13.50
C ASN A 144 -8.47 -0.59 14.57
N MET A 145 -8.73 -1.86 14.30
CA MET A 145 -9.37 -2.73 15.30
C MET A 145 -8.38 -3.06 16.41
N VAL A 146 -7.08 -2.93 16.14
CA VAL A 146 -6.09 -3.22 17.20
C VAL A 146 -5.97 -2.08 18.21
N THR A 147 -5.91 -0.84 17.74
CA THR A 147 -5.61 0.28 18.62
C THR A 147 -6.66 1.38 18.75
N ASN A 148 -7.63 1.42 17.84
CA ASN A 148 -8.54 2.56 17.74
C ASN A 148 -10.00 2.22 17.99
N MET A 149 -10.24 1.17 18.76
CA MET A 149 -11.62 0.78 19.05
C MET A 149 -12.32 1.76 20.01
N ASN A 150 -11.56 2.69 20.59
CA ASN A 150 -12.15 3.78 21.38
C ASN A 150 -12.84 4.82 20.48
N VAL A 151 -12.49 4.86 19.19
CA VAL A 151 -13.12 5.78 18.26
C VAL A 151 -14.51 5.23 17.85
N PRO A 152 -15.59 5.98 18.10
CA PRO A 152 -16.91 5.47 17.79
C PRO A 152 -17.07 4.90 16.37
N LYS A 153 -16.59 5.62 15.38
CA LYS A 153 -16.71 5.14 14.00
C LYS A 153 -16.00 3.81 13.80
N CYS A 154 -14.87 3.63 14.47
CA CYS A 154 -14.17 2.34 14.33
C CYS A 154 -14.92 1.21 15.03
N SER A 155 -15.39 1.46 16.25
CA SER A 155 -16.13 0.43 16.95
C SER A 155 -17.39 0.04 16.15
N GLY A 156 -18.04 1.03 15.54
CA GLY A 156 -19.28 0.77 14.79
C GLY A 156 -19.02 0.07 13.47
N ALA A 157 -17.79 0.23 12.96
CA ALA A 157 -17.38 -0.35 11.68
C ALA A 157 -16.67 -1.70 11.81
N ALA A 158 -16.30 -2.09 13.01
CA ALA A 158 -15.40 -3.24 13.18
C ALA A 158 -15.95 -4.54 12.60
N SER A 159 -17.21 -4.82 12.87
CA SER A 159 -17.76 -6.09 12.38
C SER A 159 -17.85 -6.08 10.87
N THR A 160 -18.08 -4.90 10.32
CA THR A 160 -18.14 -4.71 8.88
C THR A 160 -16.76 -4.87 8.25
N TYR A 161 -15.74 -4.24 8.82
CA TYR A 161 -14.39 -4.42 8.33
C TYR A 161 -14.02 -5.90 8.35
N ARG A 162 -14.30 -6.58 9.45
CA ARG A 162 -13.98 -7.99 9.52
C ARG A 162 -14.72 -8.82 8.48
N GLU A 163 -16.04 -8.69 8.44
CA GLU A 163 -16.86 -9.50 7.55
C GLU A 163 -16.48 -9.25 6.08
N LEU A 164 -16.32 -7.99 5.74
CA LEU A 164 -15.99 -7.63 4.36
C LEU A 164 -14.56 -8.02 3.99
N THR A 165 -13.63 -8.02 4.95
CA THR A 165 -12.27 -8.50 4.64
C THR A 165 -12.37 -9.99 4.33
N ILE A 166 -13.07 -10.75 5.18
CA ILE A 166 -13.23 -12.19 4.95
C ILE A 166 -13.87 -12.43 3.56
N TYR A 167 -14.87 -11.62 3.25
CA TYR A 167 -15.56 -11.71 1.96
C TYR A 167 -14.55 -11.55 0.82
N ALA A 168 -13.74 -10.50 0.85
CA ALA A 168 -12.73 -10.27 -0.18
C ALA A 168 -11.70 -11.42 -0.23
N LEU A 169 -11.25 -11.89 0.92
CA LEU A 169 -10.24 -12.97 0.90
C LEU A 169 -10.81 -14.23 0.27
N LYS A 170 -12.06 -14.54 0.51
CA LYS A 170 -12.64 -15.75 -0.12
C LYS A 170 -12.98 -15.51 -1.58
N GLN A 171 -13.54 -14.35 -1.89
CA GLN A 171 -13.98 -14.12 -3.28
C GLN A 171 -12.81 -13.92 -4.26
N LEU A 172 -11.67 -13.45 -3.76
CA LEU A 172 -10.50 -13.19 -4.61
C LEU A 172 -9.47 -14.32 -4.48
N ASP A 173 -9.88 -15.38 -3.82
CA ASP A 173 -9.01 -16.55 -3.64
C ASP A 173 -9.01 -17.34 -4.94
N LEU A 174 -8.19 -16.90 -5.88
CA LEU A 174 -8.15 -17.49 -7.23
C LEU A 174 -6.72 -17.96 -7.47
N PRO A 175 -6.53 -19.04 -8.22
CA PRO A 175 -5.18 -19.58 -8.41
C PRO A 175 -4.12 -18.66 -8.98
N HIS A 176 -4.48 -17.63 -9.75
CA HIS A 176 -3.50 -16.73 -10.30
C HIS A 176 -3.26 -15.50 -9.42
N VAL A 177 -3.93 -15.48 -8.28
CA VAL A 177 -3.91 -14.33 -7.39
C VAL A 177 -3.09 -14.60 -6.14
N ALA A 178 -2.44 -13.54 -5.63
CA ALA A 178 -1.86 -13.54 -4.30
C ALA A 178 -2.39 -12.38 -3.53
N MET A 179 -2.64 -12.55 -2.23
CA MET A 179 -3.11 -11.42 -1.40
C MET A 179 -2.28 -11.22 -0.14
N TYR A 180 -2.07 -9.94 0.18
CA TYR A 180 -1.36 -9.54 1.39
C TYR A 180 -2.28 -8.59 2.13
N MET A 181 -2.72 -8.89 3.33
CA MET A 181 -3.56 -7.91 4.05
C MET A 181 -2.68 -6.81 4.64
N ASP A 182 -3.15 -5.57 4.60
CA ASP A 182 -2.43 -4.47 5.24
C ASP A 182 -2.23 -4.76 6.74
N ALA A 183 -1.06 -4.47 7.24
CA ALA A 183 -0.78 -4.64 8.67
C ALA A 183 -0.02 -3.46 9.24
N GLY A 184 -0.45 -2.25 8.86
CA GLY A 184 0.14 -1.05 9.45
C GLY A 184 1.66 -0.99 9.26
N HIS A 185 2.37 -0.55 10.27
CA HIS A 185 3.84 -0.35 10.18
C HIS A 185 4.47 -0.46 11.55
N ALA A 186 5.79 -0.42 11.62
CA ALA A 186 6.49 -0.63 12.91
C ALA A 186 6.06 0.35 13.99
N GLY A 187 5.74 1.56 13.56
CA GLY A 187 5.36 2.64 14.46
C GLY A 187 3.86 2.69 14.73
N TRP A 188 3.11 1.73 14.24
CA TRP A 188 1.70 1.57 14.59
C TRP A 188 1.53 0.26 15.38
N LEU A 189 1.56 -0.86 14.68
CA LEU A 189 1.36 -2.16 15.30
C LEU A 189 2.61 -2.80 15.86
N GLY A 190 3.77 -2.27 15.53
CA GLY A 190 5.03 -2.81 16.05
C GLY A 190 5.37 -2.46 17.46
N TRP A 191 4.72 -1.46 18.03
CA TRP A 191 4.98 -1.11 19.43
C TRP A 191 4.74 -2.34 20.28
N PRO A 192 5.57 -2.58 21.28
CA PRO A 192 5.36 -3.77 22.12
C PRO A 192 3.96 -4.01 22.64
N ALA A 193 3.23 -2.97 23.01
CA ALA A 193 1.89 -3.17 23.57
C ALA A 193 0.87 -3.56 22.54
N ASN A 194 1.18 -3.29 21.27
CA ASN A 194 0.27 -3.54 20.16
C ASN A 194 0.49 -4.79 19.38
N ILE A 195 1.72 -5.32 19.42
CA ILE A 195 2.12 -6.38 18.50
C ILE A 195 1.42 -7.75 18.72
N GLN A 196 1.21 -8.17 19.97
CA GLN A 196 0.49 -9.44 20.21
C GLN A 196 -1.01 -9.35 19.85
N PRO A 197 -1.70 -8.30 20.23
CA PRO A 197 -3.11 -8.17 19.81
C PRO A 197 -3.26 -8.07 18.27
N ALA A 198 -2.28 -7.47 17.62
CA ALA A 198 -2.28 -7.38 16.16
C ALA A 198 -2.14 -8.79 15.60
N ALA A 199 -1.23 -9.57 16.15
CA ALA A 199 -1.05 -10.97 15.66
C ALA A 199 -2.29 -11.80 15.89
N GLU A 200 -2.92 -11.62 17.05
CA GLU A 200 -4.18 -12.33 17.35
C GLU A 200 -5.28 -12.01 16.33
N LEU A 201 -5.39 -10.73 15.97
CA LEU A 201 -6.42 -10.30 15.03
C LEU A 201 -6.21 -10.87 13.66
N PHE A 202 -5.00 -10.69 13.12
CA PHE A 202 -4.72 -11.13 11.74
C PHE A 202 -4.81 -12.64 11.62
N ALA A 203 -4.31 -13.35 12.61
CA ALA A 203 -4.38 -14.81 12.53
C ALA A 203 -5.83 -15.29 12.66
N LYS A 204 -6.64 -14.59 13.43
CA LYS A 204 -8.05 -14.99 13.52
C LYS A 204 -8.78 -14.76 12.18
N ILE A 205 -8.51 -13.63 11.56
CA ILE A 205 -9.12 -13.32 10.26
C ILE A 205 -8.75 -14.41 9.28
N TYR A 206 -7.47 -14.73 9.27
CA TYR A 206 -6.95 -15.77 8.36
C TYR A 206 -7.69 -17.09 8.57
N GLU A 207 -7.80 -17.55 9.83
CA GLU A 207 -8.59 -18.74 10.17
C GLU A 207 -10.05 -18.66 9.73
N ASP A 208 -10.66 -17.54 10.03
CA ASP A 208 -12.10 -17.37 9.80
C ASP A 208 -12.41 -17.38 8.29
N ALA A 209 -11.42 -17.01 7.48
CA ALA A 209 -11.52 -17.03 6.00
C ALA A 209 -11.19 -18.40 5.43
N GLY A 210 -10.89 -19.35 6.31
CA GLY A 210 -10.53 -20.71 5.87
C GLY A 210 -9.12 -20.88 5.32
N LYS A 211 -8.20 -20.00 5.71
CA LYS A 211 -6.81 -19.99 5.31
C LYS A 211 -6.69 -20.13 3.79
N PRO A 212 -7.23 -19.16 3.07
CA PRO A 212 -7.30 -19.29 1.62
C PRO A 212 -5.92 -19.39 1.06
N ARG A 213 -5.75 -20.26 0.09
CA ARG A 213 -4.43 -20.45 -0.53
C ARG A 213 -3.78 -19.16 -1.09
N ALA A 214 -4.59 -18.29 -1.63
CA ALA A 214 -4.08 -17.05 -2.26
C ALA A 214 -3.46 -16.08 -1.24
N VAL A 215 -3.82 -16.21 0.02
CA VAL A 215 -3.30 -15.28 1.02
C VAL A 215 -1.88 -15.67 1.37
N ARG A 216 -0.91 -14.83 1.04
CA ARG A 216 0.51 -15.10 1.27
C ARG A 216 0.92 -14.55 2.62
N GLY A 217 0.24 -13.49 3.05
CA GLY A 217 0.65 -12.88 4.30
C GLY A 217 0.16 -11.44 4.42
N LEU A 218 1.09 -10.56 4.78
CA LEU A 218 0.78 -9.17 5.15
C LEU A 218 1.65 -8.16 4.43
N ALA A 219 1.13 -6.94 4.30
CA ALA A 219 1.87 -5.81 3.73
C ALA A 219 2.15 -4.80 4.80
N THR A 220 3.36 -4.29 4.88
CA THR A 220 3.66 -3.29 5.91
C THR A 220 4.25 -2.04 5.34
N ASN A 221 4.15 -0.97 6.12
CA ASN A 221 4.65 0.33 5.77
C ASN A 221 3.93 0.99 4.58
N VAL A 222 2.76 0.48 4.19
CA VAL A 222 2.03 1.08 3.05
C VAL A 222 1.78 2.57 3.31
N ALA A 223 2.19 3.41 2.35
CA ALA A 223 2.03 4.85 2.40
C ALA A 223 2.82 5.54 3.54
N ASN A 224 3.66 4.78 4.19
CA ASN A 224 4.51 5.36 5.21
C ASN A 224 5.97 5.42 4.74
N TYR A 225 6.87 5.82 5.66
CA TYR A 225 8.23 6.21 5.24
C TYR A 225 9.32 5.42 5.94
N ASN A 226 8.96 4.35 6.62
CA ASN A 226 9.91 3.66 7.50
C ASN A 226 11.07 3.02 6.77
N ALA A 227 12.16 2.89 7.52
CA ALA A 227 13.30 2.14 7.02
C ALA A 227 13.00 0.66 6.99
N TRP A 228 13.61 -0.05 6.05
CA TRP A 228 13.60 -1.51 6.16
C TRP A 228 14.57 -1.89 7.27
N SER A 229 15.83 -1.46 7.13
CA SER A 229 16.85 -1.79 8.13
C SER A 229 17.87 -0.68 8.22
N VAL A 230 17.93 -0.06 9.40
CA VAL A 230 18.93 0.99 9.66
C VAL A 230 19.61 0.68 10.97
N SER A 231 20.87 1.11 11.09
CA SER A 231 21.70 0.82 12.24
C SER A 231 21.30 1.63 13.48
N SER A 232 20.75 2.82 13.30
CA SER A 232 20.42 3.64 14.46
C SER A 232 18.94 4.08 14.38
N PRO A 233 18.24 4.03 15.50
CA PRO A 233 16.80 4.36 15.49
C PRO A 233 16.60 5.80 15.19
N PRO A 234 15.79 6.12 14.19
CA PRO A 234 15.43 7.51 13.97
C PRO A 234 14.84 8.11 15.25
N PRO A 235 15.10 9.41 15.47
CA PRO A 235 14.71 10.05 16.73
C PRO A 235 13.22 9.96 17.05
N TYR A 236 12.39 10.07 16.02
CA TYR A 236 10.95 10.04 16.27
C TYR A 236 10.44 8.62 16.55
N THR A 237 11.31 7.62 16.48
CA THR A 237 10.88 6.25 16.82
C THR A 237 10.98 5.91 18.28
N SER A 238 11.72 6.71 19.05
CA SER A 238 11.96 6.35 20.46
C SER A 238 10.66 6.39 21.25
N PRO A 239 10.42 5.48 22.19
CA PRO A 239 11.31 4.40 22.57
C PRO A 239 10.92 3.02 22.04
N ASN A 240 10.46 2.94 20.80
CA ASN A 240 10.08 1.63 20.25
C ASN A 240 11.31 0.77 19.90
N PRO A 241 11.44 -0.42 20.47
CA PRO A 241 12.55 -1.32 20.06
C PRO A 241 12.42 -1.75 18.62
N ASN A 242 11.20 -1.76 18.14
CA ASN A 242 10.91 -2.07 16.71
C ASN A 242 10.88 -0.81 15.88
N TYR A 243 12.07 -0.29 15.59
CA TYR A 243 12.18 1.06 15.01
C TYR A 243 12.31 1.07 13.49
N ASP A 244 12.34 -0.12 12.91
CA ASP A 244 12.35 -0.27 11.45
C ASP A 244 11.53 -1.50 11.08
N GLU A 245 11.26 -1.69 9.80
CA GLU A 245 10.37 -2.75 9.36
C GLU A 245 10.94 -4.15 9.60
N LYS A 246 12.26 -4.26 9.50
CA LYS A 246 12.90 -5.56 9.78
C LYS A 246 12.69 -5.97 11.24
N HIS A 247 12.88 -5.07 12.17
CA HIS A 247 12.65 -5.40 13.59
C HIS A 247 11.19 -5.80 13.80
N TYR A 248 10.28 -5.01 13.26
CA TYR A 248 8.82 -5.29 13.37
C TYR A 248 8.49 -6.68 12.83
N ILE A 249 8.89 -6.98 11.61
CA ILE A 249 8.57 -8.26 10.97
C ILE A 249 9.17 -9.44 11.71
N GLU A 250 10.41 -9.32 12.16
CA GLU A 250 11.06 -10.38 12.93
C GLU A 250 10.40 -10.63 14.26
N ALA A 251 9.84 -9.60 14.89
CA ALA A 251 9.08 -9.79 16.11
C ALA A 251 7.67 -10.33 15.87
N PHE A 252 7.07 -9.88 14.77
CA PHE A 252 5.66 -10.12 14.47
C PHE A 252 5.43 -11.55 13.95
N ARG A 253 6.36 -12.02 13.09
CA ARG A 253 6.04 -13.28 12.43
C ARG A 253 5.95 -14.50 13.39
N PRO A 254 6.81 -14.61 14.38
CA PRO A 254 6.70 -15.72 15.33
C PRO A 254 5.35 -15.71 16.07
N LEU A 255 4.84 -14.51 16.36
CA LEU A 255 3.55 -14.36 17.05
C LEU A 255 2.40 -14.80 16.15
N LEU A 256 2.47 -14.38 14.90
CA LEU A 256 1.48 -14.80 13.91
C LEU A 256 1.52 -16.31 13.67
N GLU A 257 2.74 -16.82 13.54
CA GLU A 257 2.96 -18.24 13.20
C GLU A 257 2.46 -19.18 14.31
N ALA A 258 2.67 -18.81 15.56
CA ALA A 258 2.16 -19.58 16.70
C ALA A 258 0.63 -19.61 16.69
N ARG A 259 0.04 -18.63 16.02
CA ARG A 259 -1.39 -18.49 15.96
C ARG A 259 -1.98 -18.97 14.65
N GLY A 260 -1.19 -19.70 13.88
CA GLY A 260 -1.66 -20.42 12.72
C GLY A 260 -1.44 -19.72 11.38
N PHE A 261 -0.78 -18.57 11.40
CA PHE A 261 -0.60 -17.76 10.19
C PHE A 261 0.88 -17.45 9.97
N PRO A 262 1.58 -18.30 9.24
CA PRO A 262 3.01 -18.08 8.96
C PRO A 262 3.21 -17.10 7.81
N ALA A 263 2.77 -15.88 8.06
CA ALA A 263 2.70 -14.83 7.03
C ALA A 263 4.04 -14.46 6.48
N GLN A 264 4.09 -14.40 5.16
CA GLN A 264 5.16 -13.75 4.45
C GLN A 264 4.80 -12.30 4.26
N PHE A 265 5.79 -11.45 4.04
CA PHE A 265 5.58 -9.99 4.00
C PHE A 265 6.00 -9.33 2.72
N ILE A 266 5.31 -8.26 2.39
CA ILE A 266 5.81 -7.31 1.40
C ILE A 266 5.90 -5.97 2.11
N VAL A 267 6.95 -5.22 1.82
CA VAL A 267 7.23 -4.00 2.58
C VAL A 267 7.35 -2.81 1.63
N ASP A 268 6.49 -1.80 1.83
CA ASP A 268 6.57 -0.58 1.01
C ASP A 268 7.88 0.14 1.31
N GLN A 269 8.59 0.46 0.24
CA GLN A 269 9.82 1.28 0.32
C GLN A 269 9.79 2.48 -0.65
N GLY A 270 8.63 2.72 -1.23
CA GLY A 270 8.51 3.76 -2.21
C GLY A 270 8.89 5.17 -1.79
N ARG A 271 8.77 5.49 -0.50
CA ARG A 271 9.18 6.80 0.02
C ARG A 271 10.09 6.63 1.22
N SER A 272 10.92 5.58 1.18
CA SER A 272 11.78 5.24 2.32
C SER A 272 13.27 5.41 2.07
N GLY A 273 13.64 6.00 0.94
CA GLY A 273 15.04 6.05 0.55
C GLY A 273 15.88 6.88 1.51
N LYS A 274 15.32 7.96 2.03
CA LYS A 274 16.08 8.81 2.97
C LYS A 274 15.75 8.48 4.43
N GLN A 275 16.76 8.18 5.21
CA GLN A 275 16.59 7.85 6.62
C GLN A 275 17.65 8.55 7.44
N PRO A 276 17.26 9.20 8.52
CA PRO A 276 15.87 9.39 8.92
C PRO A 276 15.15 10.34 8.00
N THR A 277 13.84 10.38 8.12
CA THR A 277 13.04 11.31 7.31
C THR A 277 13.04 12.71 7.93
N GLY A 278 12.22 13.58 7.36
CA GLY A 278 11.92 14.89 7.93
C GLY A 278 10.70 14.90 8.86
N GLN A 279 10.19 13.73 9.20
CA GLN A 279 9.05 13.69 10.12
C GLN A 279 9.49 14.16 11.51
N LYS A 280 8.71 15.02 12.13
CA LYS A 280 8.97 15.43 13.51
C LYS A 280 8.39 14.44 14.52
N GLU A 281 7.35 13.74 14.11
CA GLU A 281 6.74 12.64 14.89
C GLU A 281 6.42 11.48 13.95
N TRP A 282 6.48 10.28 14.49
CA TRP A 282 6.30 9.07 13.67
C TRP A 282 4.94 9.02 12.99
N GLY A 283 3.95 9.52 13.71
CA GLY A 283 2.58 9.57 13.27
C GLY A 283 2.17 10.63 12.25
N HIS A 284 3.12 11.41 11.82
CA HIS A 284 2.93 12.45 10.80
C HIS A 284 3.10 11.75 9.48
N TRP A 285 1.98 11.39 8.86
CA TRP A 285 1.97 10.54 7.67
C TRP A 285 1.78 11.33 6.40
N CYS A 286 1.32 12.58 6.51
CA CYS A 286 0.85 13.30 5.36
C CYS A 286 1.92 14.10 4.66
N ASN A 287 2.24 13.71 3.43
CA ASN A 287 3.15 14.45 2.60
C ASN A 287 4.45 14.87 3.35
N ALA A 288 5.08 13.93 4.03
CA ALA A 288 6.20 14.26 4.90
C ALA A 288 7.41 14.78 4.16
N ILE A 289 8.00 15.83 4.69
CA ILE A 289 9.20 16.39 4.07
C ILE A 289 10.40 15.52 4.39
N GLY A 290 11.49 15.73 3.65
CA GLY A 290 12.73 15.02 3.94
C GLY A 290 12.67 13.55 3.64
N THR A 291 11.89 13.18 2.64
CA THR A 291 11.77 11.78 2.22
C THR A 291 12.24 11.62 0.78
N GLY A 292 12.60 10.37 0.42
CA GLY A 292 13.09 10.11 -0.93
C GLY A 292 12.59 8.80 -1.46
N PHE A 293 12.55 8.66 -2.78
CA PHE A 293 12.26 7.36 -3.41
C PHE A 293 13.25 6.34 -2.83
N GLY A 294 12.77 5.15 -2.53
CA GLY A 294 13.62 4.14 -1.92
C GLY A 294 14.02 2.94 -2.81
N MET A 295 14.40 1.85 -2.14
CA MET A 295 14.91 0.70 -2.88
C MET A 295 13.89 0.22 -3.90
N ARG A 296 14.41 -0.19 -5.04
CA ARG A 296 13.56 -0.59 -6.17
C ARG A 296 12.85 -1.88 -5.90
N PRO A 297 11.64 -2.04 -6.40
CA PRO A 297 10.87 -3.28 -6.23
C PRO A 297 11.66 -4.52 -6.66
N THR A 298 11.63 -5.55 -5.82
CA THR A 298 12.37 -6.78 -6.15
C THR A 298 11.89 -7.98 -5.35
N ALA A 299 11.98 -9.17 -5.94
CA ALA A 299 11.68 -10.37 -5.19
C ALA A 299 12.93 -10.80 -4.38
N ASN A 300 14.07 -10.25 -4.74
CA ASN A 300 15.32 -10.68 -4.13
C ASN A 300 15.64 -9.88 -2.86
N THR A 301 14.86 -10.15 -1.83
CA THR A 301 14.95 -9.35 -0.60
C THR A 301 16.11 -9.79 0.27
N GLY A 302 16.50 -11.06 0.16
CA GLY A 302 17.52 -11.56 1.06
C GLY A 302 17.04 -11.95 2.44
N HIS A 303 15.74 -11.82 2.69
CA HIS A 303 15.17 -12.07 4.02
C HIS A 303 14.13 -13.18 3.92
N GLN A 304 14.25 -14.17 4.79
CA GLN A 304 13.39 -15.34 4.74
C GLN A 304 11.89 -15.05 4.87
N TYR A 305 11.51 -13.96 5.54
CA TYR A 305 10.08 -13.69 5.73
C TYR A 305 9.52 -12.65 4.77
N VAL A 306 10.34 -12.13 3.88
CA VAL A 306 9.92 -11.01 3.02
C VAL A 306 9.94 -11.49 1.58
N ASP A 307 8.75 -11.62 1.01
CA ASP A 307 8.58 -12.05 -0.38
C ASP A 307 9.06 -10.95 -1.37
N ALA A 308 8.86 -9.69 -1.00
CA ALA A 308 9.31 -8.60 -1.89
C ALA A 308 9.38 -7.25 -1.20
N PHE A 309 10.31 -6.43 -1.64
CA PHE A 309 10.23 -5.00 -1.40
C PHE A 309 9.45 -4.37 -2.55
N VAL A 310 8.52 -3.52 -2.24
CA VAL A 310 7.61 -2.97 -3.22
C VAL A 310 7.46 -1.49 -3.09
N TRP A 311 6.86 -0.89 -4.11
CA TRP A 311 6.42 0.52 -4.00
C TRP A 311 4.91 0.46 -4.03
N VAL A 312 4.26 0.62 -2.88
CA VAL A 312 2.80 0.49 -2.84
C VAL A 312 2.18 1.88 -3.09
N LYS A 313 2.41 2.82 -2.18
CA LYS A 313 1.94 4.19 -2.41
C LYS A 313 2.84 4.87 -3.46
N PRO A 314 2.30 5.32 -4.60
CA PRO A 314 3.16 5.85 -5.65
C PRO A 314 3.60 7.28 -5.34
N GLY A 315 4.91 7.47 -5.23
CA GLY A 315 5.42 8.78 -4.83
C GLY A 315 5.08 9.89 -5.83
N GLY A 316 4.57 11.01 -5.33
CA GLY A 316 4.15 12.11 -6.20
C GLY A 316 2.64 12.33 -6.16
N GLU A 317 1.92 11.27 -5.82
CA GLU A 317 0.46 11.31 -5.62
C GLU A 317 0.19 11.79 -4.20
N CYS A 318 -0.51 12.90 -4.11
CA CYS A 318 -0.71 13.59 -2.82
C CYS A 318 -1.46 12.76 -1.79
N ASN A 319 -1.07 12.93 -0.52
CA ASN A 319 -1.74 12.26 0.59
C ASN A 319 -2.94 13.06 1.13
N GLY A 320 -3.01 14.33 0.78
CA GLY A 320 -4.10 15.16 1.24
C GLY A 320 -3.81 16.63 1.10
N THR A 321 -4.87 17.42 0.97
CA THR A 321 -4.72 18.84 0.76
C THR A 321 -4.27 19.58 2.02
N SER A 322 -3.52 20.64 1.82
CA SER A 322 -3.07 21.52 2.92
C SER A 322 -4.01 22.74 3.07
N ASP A 323 -5.04 22.77 2.24
CA ASP A 323 -6.04 23.86 2.30
C ASP A 323 -6.99 23.58 3.47
N THR A 324 -6.83 24.36 4.53
CA THR A 324 -7.59 24.18 5.76
C THR A 324 -9.08 24.37 5.64
N THR A 325 -9.53 24.96 4.53
CA THR A 325 -10.94 25.22 4.30
C THR A 325 -11.60 24.14 3.45
N ALA A 326 -10.80 23.22 2.95
CA ALA A 326 -11.31 22.19 2.05
C ALA A 326 -12.24 21.24 2.80
N ALA A 327 -13.22 20.70 2.07
CA ALA A 327 -14.23 19.84 2.69
C ALA A 327 -13.64 18.67 3.48
N ARG A 328 -12.63 18.03 2.91
CA ARG A 328 -12.08 16.82 3.53
C ARG A 328 -10.64 17.04 4.02
N TYR A 329 -10.41 18.23 4.53
CA TYR A 329 -9.11 18.61 5.05
C TYR A 329 -8.78 17.79 6.28
N ASP A 330 -7.57 17.26 6.30
CA ASP A 330 -7.06 16.47 7.42
C ASP A 330 -5.92 17.28 8.00
N TYR A 331 -6.02 17.66 9.29
CA TYR A 331 -5.02 18.50 9.96
C TYR A 331 -3.57 17.95 9.89
N HIS A 332 -3.43 16.66 9.67
CA HIS A 332 -2.07 16.09 9.55
C HIS A 332 -1.35 16.71 8.33
N CYS A 333 -2.14 17.09 7.34
CA CYS A 333 -1.63 17.67 6.10
C CYS A 333 -1.27 19.15 6.24
N GLY A 334 -1.56 19.72 7.39
CA GLY A 334 -1.28 21.11 7.68
C GLY A 334 -0.12 21.28 8.63
N LEU A 335 0.47 20.16 9.06
CA LEU A 335 1.58 20.20 10.03
C LEU A 335 2.87 20.80 9.44
N GLU A 336 3.78 21.18 10.34
CA GLU A 336 5.03 21.87 9.96
C GLU A 336 5.91 21.01 9.06
N ASP A 337 5.80 19.69 9.20
CA ASP A 337 6.60 18.75 8.40
C ASP A 337 5.86 18.16 7.22
N ALA A 338 4.73 18.77 6.85
CA ALA A 338 3.95 18.38 5.68
C ALA A 338 4.22 19.39 4.57
N LEU A 339 4.58 18.93 3.40
CA LEU A 339 4.94 19.86 2.33
C LEU A 339 3.69 20.60 1.83
N LYS A 340 3.86 21.89 1.58
CA LYS A 340 2.74 22.77 1.18
C LYS A 340 3.18 23.74 0.12
N PRO A 341 2.27 24.24 -0.70
CA PRO A 341 0.86 23.88 -0.67
C PRO A 341 0.67 22.56 -1.36
N ALA A 342 -0.24 21.75 -0.82
CA ALA A 342 -0.58 20.44 -1.35
C ALA A 342 -2.00 20.40 -1.91
N PRO A 343 -2.21 19.73 -3.04
CA PRO A 343 -3.52 19.61 -3.64
C PRO A 343 -4.33 18.47 -2.98
N GLU A 344 -5.53 18.19 -3.47
CA GLU A 344 -6.35 17.11 -2.90
C GLU A 344 -5.71 15.71 -3.01
N ALA A 345 -6.10 14.87 -2.08
CA ALA A 345 -5.60 13.51 -2.00
C ALA A 345 -5.75 12.86 -3.38
N GLY A 346 -4.69 12.19 -3.83
CA GLY A 346 -4.70 11.49 -5.10
C GLY A 346 -4.32 12.35 -6.29
N GLN A 347 -4.26 13.67 -6.13
CA GLN A 347 -3.87 14.51 -7.25
C GLN A 347 -2.35 14.57 -7.28
N TRP A 348 -1.82 14.79 -8.48
CA TRP A 348 -0.37 14.93 -8.61
C TRP A 348 0.15 16.14 -7.84
N PHE A 349 1.25 15.93 -7.11
CA PHE A 349 1.88 16.96 -6.30
C PHE A 349 3.33 17.11 -6.75
N ASN A 350 3.55 17.97 -7.72
CA ASN A 350 4.87 17.98 -8.36
C ASN A 350 6.07 18.33 -7.48
N GLU A 351 5.90 19.28 -6.55
CA GLU A 351 6.97 19.65 -5.68
C GLU A 351 7.37 18.48 -4.80
N TYR A 352 6.38 17.66 -4.45
CA TYR A 352 6.64 16.45 -3.65
C TYR A 352 7.42 15.41 -4.49
N PHE A 353 7.02 15.26 -5.73
CA PHE A 353 7.75 14.38 -6.64
C PHE A 353 9.20 14.81 -6.78
N ILE A 354 9.44 16.12 -6.94
CA ILE A 354 10.83 16.57 -7.03
C ILE A 354 11.61 16.28 -5.75
N GLN A 355 10.98 16.50 -4.60
CA GLN A 355 11.60 16.19 -3.32
C GLN A 355 12.07 14.71 -3.32
N LEU A 356 11.16 13.84 -3.73
CA LEU A 356 11.43 12.38 -3.72
C LEU A 356 12.58 12.02 -4.65
N LEU A 357 12.65 12.72 -5.78
CA LEU A 357 13.76 12.56 -6.71
C LEU A 357 15.09 13.02 -6.13
N ARG A 358 15.11 14.22 -5.55
CA ARG A 358 16.35 14.76 -4.98
C ARG A 358 16.92 13.91 -3.86
N ASN A 359 16.04 13.31 -3.08
CA ASN A 359 16.40 12.48 -1.94
C ASN A 359 16.44 10.98 -2.26
N ALA A 360 16.31 10.63 -3.53
CA ALA A 360 16.23 9.23 -3.90
C ALA A 360 17.46 8.45 -3.47
N ASN A 361 17.21 7.24 -3.02
CA ASN A 361 18.29 6.34 -2.58
C ASN A 361 17.85 4.91 -2.73
N PRO A 362 18.39 4.21 -3.71
CA PRO A 362 19.40 4.73 -4.64
C PRO A 362 18.93 5.81 -5.59
N PRO A 363 19.84 6.67 -6.01
CA PRO A 363 19.51 7.77 -6.88
C PRO A 363 19.14 7.33 -8.27
N PHE A 364 18.41 8.20 -8.94
CA PHE A 364 18.03 8.02 -10.34
C PHE A 364 18.99 8.72 -11.26
C1 MGL B . 3.75 3.35 23.39
C2 MGL B . 2.37 3.07 22.87
C3 MGL B . 2.27 3.53 21.41
C4 MGL B . 2.77 4.99 21.28
C5 MGL B . 4.12 5.16 21.95
C6 MGL B . 4.61 6.61 21.94
C7 MGL B . 5.25 3.01 25.07
O1 MGL B . 3.86 2.91 24.73
O2 MGL B . 2.10 1.67 22.91
O3 MGL B . 0.90 3.37 21.03
O4 MGL B . 2.91 5.42 19.91
O5 MGL B . 4.05 4.76 23.32
O6 MGL B . 3.67 7.38 22.73
C1 SGC B . 1.85 5.84 19.21
C2 SGC B . 2.29 6.71 18.07
O2 SGC B . 2.95 7.86 18.59
C3 SGC B . 1.12 7.14 17.20
O3 SGC B . 1.68 7.88 16.10
C4 SGC B . 0.26 5.96 16.77
C5 SGC B . 0.01 5.05 17.97
O5 SGC B . 1.21 4.70 18.61
C6 SGC B . -0.70 3.73 17.61
O6 SGC B . -0.91 2.87 18.73
S4 SGC B . -1.28 6.58 16.10
C2 BGC B . -2.94 5.84 14.13
C3 BGC B . -3.13 5.36 12.71
C4 BGC B . -2.15 6.01 11.74
C5 BGC B . -0.72 5.85 12.28
C6 BGC B . 0.27 6.56 11.38
C1 BGC B . -1.49 5.69 14.54
O2 BGC B . -3.73 5.07 15.02
O3 BGC B . -4.48 5.52 12.24
O4 BGC B . -2.30 5.31 10.51
O5 BGC B . -0.68 6.35 13.59
O6 BGC B . 1.57 6.25 11.81
C2 BGC B . -2.03 5.44 8.15
C3 BGC B . -2.33 6.32 6.93
C4 BGC B . -3.71 6.96 6.94
C5 BGC B . -3.91 7.64 8.29
C6 BGC B . -5.28 8.27 8.41
C1 BGC B . -2.41 6.20 9.43
O2 BGC B . -0.62 5.09 8.21
O3 BGC B . -2.22 5.60 5.73
O4 BGC B . -3.84 7.92 5.87
O5 BGC B . -3.73 6.69 9.35
O6 BGC B . -5.38 8.97 9.67
C1 NAG C . -19.47 0.63 -9.11
C2 NAG C . -20.89 1.14 -9.04
C3 NAG C . -21.80 0.20 -9.81
C4 NAG C . -21.25 -0.06 -11.20
C5 NAG C . -19.78 -0.45 -11.12
C6 NAG C . -19.14 -0.74 -12.44
C7 NAG C . -22.04 2.20 -7.10
C8 NAG C . -22.45 2.02 -5.68
N2 NAG C . -21.33 1.21 -7.64
O3 NAG C . -23.08 0.81 -9.94
O4 NAG C . -22.00 -1.12 -11.80
O5 NAG C . -19.00 0.50 -10.44
O6 NAG C . -17.88 -1.34 -12.30
O7 NAG C . -22.35 3.21 -7.72
C1 GOL D . 1.95 -18.30 2.56
O1 GOL D . 3.04 -17.46 2.82
C2 GOL D . 1.35 -18.88 3.83
O2 GOL D . 0.34 -19.78 3.46
C3 GOL D . 0.76 -17.80 4.72
O3 GOL D . 0.07 -18.41 5.80
C1 GOL E . 17.09 0.87 4.15
O1 GOL E . 16.73 -0.25 4.85
C2 GOL E . 16.04 1.93 4.38
O2 GOL E . 14.71 1.59 4.06
C3 GOL E . 16.39 3.20 3.58
O3 GOL E . 17.64 3.14 2.90
C1 GOL F . -1.88 8.45 2.65
C1 GOL F . -1.99 8.54 2.74
O1 GOL F . -1.76 7.72 3.86
O1 GOL F . -1.77 7.72 3.89
C2 GOL F . -2.75 7.74 1.59
C2 GOL F . -2.75 7.81 1.63
O2 GOL F . -2.67 6.32 1.67
O2 GOL F . -2.35 6.45 1.53
C3 GOL F . -2.40 8.19 0.19
C3 GOL F . -2.59 8.51 0.28
O3 GOL F . -2.98 9.43 -0.16
O3 GOL F . -2.56 7.55 -0.75
C1 GOL G . -4.34 4.71 -9.18
C1 GOL G . -4.31 6.67 -8.26
O1 GOL G . -3.18 4.22 -8.52
O1 GOL G . -3.33 6.23 -7.35
C2 GOL G . -5.27 5.45 -8.22
C2 GOL G . -5.47 5.66 -8.28
O2 GOL G . -4.56 6.55 -7.65
O2 GOL G . -6.65 6.22 -8.85
C3 GOL G . -6.58 5.91 -8.88
C3 GOL G . -4.99 4.41 -9.01
O3 GOL G . -7.33 6.84 -8.10
O3 GOL G . -4.79 4.55 -10.41
C1 GOL H . -14.86 -9.09 -17.30
O1 GOL H . -16.23 -9.49 -17.23
C2 GOL H . -14.61 -8.30 -18.57
O2 GOL H . -15.61 -7.29 -18.68
C3 GOL H . -13.20 -7.69 -18.56
O3 GOL H . -13.01 -6.83 -19.67
C1 GOL I . -4.72 7.32 -2.90
O1 GOL I . -5.53 6.56 -2.00
C2 GOL I . -4.21 6.42 -4.03
O2 GOL I . -4.71 6.93 -5.25
C3 GOL I . -2.68 6.36 -4.10
#